data_5KZQ
#
_entry.id   5KZQ
#
_cell.length_a   166.297
_cell.length_b   166.297
_cell.length_c   79.776
_cell.angle_alpha   90.000
_cell.angle_beta   90.000
_cell.angle_gamma   90.000
#
_symmetry.space_group_name_H-M   'P 41 21 2'
#
loop_
_entity.id
_entity.type
_entity.pdbx_description
1 polymer 'Metabotropic glutamate receptor 2'
2 non-polymer '(1~{S},2~{R},3~{S},4~{S},5~{R},6~{R})-2-azanyl-3-[[3,4-bis(fluoranyl)phenyl]sulfanylmethyl]-4-oxidanyl-bicyclo[3.1.0]hexane-2,6-dicarboxylic acid'
3 non-polymer 2-acetamido-2-deoxy-beta-D-glucopyranose
4 water water
#
_entity_poly.entity_id   1
_entity_poly.type   'polypeptide(L)'
_entity_poly.pdbx_seq_one_letter_code
;MGSLLALLALLLLWGAVAEGPAKKVLTLEGDLVLGGLFPVHQKGGPAEDCGPVNEHRGIQRLEAMLFALDRINRDPHLLP
GVRLGAHILDSCSKDTHALEQALDFVRASLSRGADGSRHICPDGSYATHGDAPTAITGVIGGSYSDVSIQVANLLRLFQI
PQISYASTSAKLSDKSRYDYFARTVPPDFFQAKAMAEILRFFNWTYVSTVASEGDYGETGIEAFELEARARNICVATSEK
VGRAMSRAAFEGVVRALLQKPSARVAVLFTRSEDARELLAASQRLNASFTWVASDGWGALESVVAGSEGAAEGAITIELA
SYPISDFASYFQSLDPWNNSRNPWFREFWEQRFRCSFRQRDCAAHSLRAVPFEQESKIMFVVNAVYAMAHALHNMHRALC
PNTTRLCDAMRPVNGRRLYKDFVLNVKFDAPFRPADTHNEVRFDRFGDGIGRYNIFTYLRAGSGRYRYQKVGYWAEGLTL
DTSLIPWASPSAGPLPASRCSEPCLQNEVKSVQPGEVCCWLCIPCQPYEYRLDEFTCADCGLGYWPNASLTGCFELPQEY
IREGHHHHHH
;
_entity_poly.pdbx_strand_id   A
#
loop_
_chem_comp.id
_chem_comp.type
_chem_comp.name
_chem_comp.formula
6YS non-polymer '(1~{S},2~{R},3~{S},4~{S},5~{R},6~{R})-2-azanyl-3-[[3,4-bis(fluoranyl)phenyl]sulfanylmethyl]-4-oxidanyl-bicyclo[3.1.0]hexane-2,6-dicarboxylic acid' 'C15 H15 F2 N O5 S'
NAG D-saccharide, beta linking 2-acetamido-2-deoxy-beta-D-glucopyranose 'C8 H15 N O6'
#
# COMPACT_ATOMS: atom_id res chain seq x y z
N LYS A 24 -23.04 -7.97 -19.82
CA LYS A 24 -23.21 -8.56 -18.50
C LYS A 24 -22.92 -7.50 -17.41
N VAL A 25 -23.90 -7.33 -16.46
CA VAL A 25 -23.89 -6.42 -15.28
C VAL A 25 -24.59 -7.14 -14.11
N LEU A 26 -24.01 -7.04 -12.88
CA LEU A 26 -24.53 -7.67 -11.68
C LEU A 26 -25.49 -6.71 -10.97
N THR A 27 -26.74 -7.11 -10.79
CA THR A 27 -27.77 -6.25 -10.18
C THR A 27 -28.52 -7.01 -9.16
N LEU A 28 -28.48 -6.51 -7.94
CA LEU A 28 -29.16 -7.08 -6.79
C LEU A 28 -30.14 -6.02 -6.29
N GLU A 29 -31.41 -6.37 -6.17
CA GLU A 29 -32.49 -5.49 -5.73
C GLU A 29 -32.30 -5.11 -4.25
N GLY A 30 -32.46 -3.82 -3.94
CA GLY A 30 -32.34 -3.31 -2.59
C GLY A 30 -33.00 -1.95 -2.45
N ASP A 31 -33.29 -1.54 -1.19
CA ASP A 31 -33.92 -0.25 -0.85
C ASP A 31 -32.94 0.89 -1.15
N LEU A 32 -31.70 0.77 -0.69
CA LEU A 32 -30.63 1.68 -1.08
C LEU A 32 -29.76 0.81 -1.98
N VAL A 33 -29.11 1.38 -3.00
CA VAL A 33 -28.31 0.51 -3.85
C VAL A 33 -26.85 0.95 -3.87
N LEU A 34 -25.92 0.02 -3.61
CA LEU A 34 -24.50 0.35 -3.71
C LEU A 34 -23.99 -0.02 -5.10
N GLY A 35 -23.21 0.87 -5.68
CA GLY A 35 -22.55 0.57 -6.93
C GLY A 35 -21.29 -0.17 -6.53
N GLY A 36 -20.67 -0.84 -7.47
CA GLY A 36 -19.44 -1.55 -7.18
C GLY A 36 -18.59 -1.63 -8.40
N LEU A 37 -17.29 -1.52 -8.24
CA LEU A 37 -16.38 -1.59 -9.39
C LEU A 37 -15.27 -2.55 -9.10
N PHE A 38 -15.04 -3.52 -9.97
CA PHE A 38 -13.98 -4.51 -9.79
C PHE A 38 -13.29 -4.82 -11.08
N PRO A 39 -11.98 -5.09 -11.09
CA PRO A 39 -11.31 -5.37 -12.38
C PRO A 39 -11.53 -6.83 -12.73
N VAL A 40 -12.80 -7.19 -13.03
CA VAL A 40 -13.25 -8.57 -13.32
C VAL A 40 -12.40 -9.19 -14.40
N HIS A 41 -11.92 -8.37 -15.33
CA HIS A 41 -11.05 -8.82 -16.41
C HIS A 41 -9.77 -7.99 -16.50
N GLN A 42 -8.72 -8.58 -17.08
CA GLN A 42 -7.46 -7.88 -17.30
C GLN A 42 -7.58 -7.10 -18.64
N LYS A 43 -6.64 -6.17 -18.92
CA LYS A 43 -6.66 -5.37 -20.14
C LYS A 43 -6.16 -6.17 -21.36
N PRO A 46 -4.64 -3.35 -28.00
CA PRO A 46 -5.60 -3.86 -28.99
C PRO A 46 -7.03 -3.38 -28.74
N ALA A 47 -7.98 -3.66 -29.69
CA ALA A 47 -9.42 -3.29 -29.64
C ALA A 47 -10.15 -3.84 -28.39
N GLU A 48 -9.52 -4.83 -27.74
CA GLU A 48 -10.00 -5.47 -26.53
C GLU A 48 -9.66 -4.63 -25.28
N ASP A 49 -10.71 -4.22 -24.55
CA ASP A 49 -10.53 -3.50 -23.28
C ASP A 49 -10.45 -4.63 -22.23
N CYS A 50 -11.13 -5.76 -22.52
CA CYS A 50 -11.32 -6.92 -21.63
C CYS A 50 -10.74 -8.21 -22.16
N GLY A 51 -9.79 -8.76 -21.40
CA GLY A 51 -9.10 -9.99 -21.71
C GLY A 51 -9.44 -11.12 -20.77
N PRO A 52 -8.41 -11.73 -20.13
CA PRO A 52 -8.67 -12.87 -19.24
C PRO A 52 -9.37 -12.53 -17.93
N VAL A 53 -9.96 -13.54 -17.26
CA VAL A 53 -10.62 -13.31 -15.98
C VAL A 53 -9.54 -13.18 -14.89
N ASN A 54 -9.66 -12.11 -14.11
CA ASN A 54 -8.77 -11.81 -13.01
C ASN A 54 -9.39 -12.60 -11.81
N GLU A 55 -8.98 -13.87 -11.66
CA GLU A 55 -9.53 -14.81 -10.67
C GLU A 55 -9.41 -14.37 -9.23
N HIS A 56 -8.48 -13.43 -8.95
CA HIS A 56 -8.19 -12.94 -7.59
C HIS A 56 -8.57 -11.48 -7.35
N ARG A 57 -8.06 -10.54 -8.15
CA ARG A 57 -8.40 -9.13 -7.93
C ARG A 57 -9.82 -8.78 -8.39
N GLY A 58 -10.39 -9.60 -9.27
CA GLY A 58 -11.71 -9.41 -9.84
C GLY A 58 -12.73 -10.32 -9.19
N ILE A 59 -12.84 -11.59 -9.67
CA ILE A 59 -13.80 -12.57 -9.15
C ILE A 59 -13.73 -12.71 -7.65
N GLN A 60 -12.53 -12.82 -7.07
CA GLN A 60 -12.46 -12.99 -5.62
C GLN A 60 -12.89 -11.78 -4.83
N ARG A 61 -12.54 -10.58 -5.26
CA ARG A 61 -12.96 -9.39 -4.52
C ARG A 61 -14.44 -9.04 -4.76
N LEU A 62 -14.96 -9.32 -5.99
CA LEU A 62 -16.36 -9.03 -6.37
C LEU A 62 -17.25 -9.89 -5.50
N GLU A 63 -16.93 -11.19 -5.43
CA GLU A 63 -17.62 -12.15 -4.59
C GLU A 63 -17.56 -11.72 -3.12
N ALA A 64 -16.45 -11.04 -2.65
CA ALA A 64 -16.31 -10.54 -1.28
C ALA A 64 -17.29 -9.40 -0.96
N MET A 65 -17.61 -8.55 -1.94
CA MET A 65 -18.54 -7.43 -1.74
C MET A 65 -19.91 -8.03 -1.60
N LEU A 66 -20.27 -8.99 -2.52
CA LEU A 66 -21.52 -9.73 -2.50
C LEU A 66 -21.64 -10.43 -1.13
N PHE A 67 -20.57 -11.15 -0.70
CA PHE A 67 -20.51 -11.82 0.61
C PHE A 67 -20.82 -10.82 1.74
N ALA A 68 -20.14 -9.62 1.73
CA ALA A 68 -20.37 -8.57 2.73
C ALA A 68 -21.84 -8.16 2.74
N LEU A 69 -22.43 -7.77 1.56
CA LEU A 69 -23.84 -7.35 1.46
C LEU A 69 -24.74 -8.37 2.08
N ASP A 70 -24.57 -9.65 1.70
CA ASP A 70 -25.31 -10.78 2.23
C ASP A 70 -25.33 -10.79 3.76
N ARG A 71 -24.19 -10.57 4.37
CA ARG A 71 -24.08 -10.54 5.83
C ARG A 71 -24.75 -9.29 6.45
N ILE A 72 -24.48 -8.09 5.88
CA ILE A 72 -25.04 -6.77 6.28
C ILE A 72 -26.53 -6.88 6.29
N ASN A 73 -27.11 -7.34 5.13
CA ASN A 73 -28.53 -7.61 4.89
C ASN A 73 -29.19 -8.60 5.91
N ARG A 74 -28.42 -9.48 6.62
CA ARG A 74 -28.92 -10.40 7.66
C ARG A 74 -28.50 -9.95 9.10
N ASP A 75 -27.78 -8.81 9.19
CA ASP A 75 -27.27 -8.23 10.46
C ASP A 75 -28.31 -7.27 11.09
N PRO A 76 -28.86 -7.61 12.26
CA PRO A 76 -29.89 -6.74 12.86
C PRO A 76 -29.39 -5.44 13.53
N HIS A 77 -28.09 -5.12 13.41
CA HIS A 77 -27.54 -3.92 14.02
C HIS A 77 -27.10 -2.99 12.92
N LEU A 78 -27.24 -3.43 11.67
CA LEU A 78 -26.78 -2.72 10.51
C LEU A 78 -27.93 -2.73 9.53
N LEU A 79 -28.60 -1.55 9.48
CA LEU A 79 -29.77 -1.23 8.68
C LEU A 79 -30.76 -2.40 8.73
N PRO A 80 -31.45 -2.61 9.88
CA PRO A 80 -32.42 -3.71 9.94
C PRO A 80 -33.55 -3.49 8.93
N GLY A 81 -33.98 -2.24 8.79
CA GLY A 81 -35.07 -1.88 7.88
C GLY A 81 -34.71 -1.71 6.43
N VAL A 82 -33.52 -1.19 6.17
CA VAL A 82 -33.04 -0.92 4.81
C VAL A 82 -32.19 -2.06 4.24
N ARG A 83 -32.63 -2.60 3.09
CA ARG A 83 -31.94 -3.70 2.41
C ARG A 83 -30.99 -3.08 1.38
N LEU A 84 -29.70 -3.44 1.40
CA LEU A 84 -28.71 -2.91 0.47
C LEU A 84 -28.62 -3.70 -0.82
N GLY A 85 -28.85 -3.04 -1.91
CA GLY A 85 -28.70 -3.65 -3.22
C GLY A 85 -27.32 -3.39 -3.80
N ALA A 86 -27.09 -3.89 -5.02
CA ALA A 86 -25.82 -3.69 -5.68
C ALA A 86 -26.02 -3.56 -7.15
N HIS A 87 -25.15 -2.78 -7.79
CA HIS A 87 -25.06 -2.59 -9.22
C HIS A 87 -23.56 -2.62 -9.46
N ILE A 88 -23.03 -3.83 -9.71
CA ILE A 88 -21.59 -4.10 -9.86
C ILE A 88 -21.21 -4.09 -11.34
N LEU A 89 -20.12 -3.39 -11.64
CA LEU A 89 -19.58 -3.23 -12.98
C LEU A 89 -18.14 -3.66 -13.00
N ASP A 90 -17.71 -4.04 -14.20
CA ASP A 90 -16.37 -4.52 -14.46
C ASP A 90 -15.54 -3.39 -15.07
N SER A 91 -14.41 -3.05 -14.42
CA SER A 91 -13.49 -1.99 -14.91
C SER A 91 -12.63 -2.47 -16.07
N CYS A 92 -12.42 -3.79 -16.18
CA CYS A 92 -11.53 -4.43 -17.14
C CYS A 92 -10.11 -3.92 -17.02
N SER A 93 -9.69 -3.58 -15.78
CA SER A 93 -8.38 -3.08 -15.42
C SER A 93 -7.96 -1.86 -16.29
N LYS A 94 -8.95 -1.09 -16.81
CA LYS A 94 -8.74 0.05 -17.72
C LYS A 94 -9.60 1.25 -17.32
N ASP A 95 -9.00 2.42 -17.10
CA ASP A 95 -9.72 3.65 -16.74
C ASP A 95 -10.87 4.01 -17.69
N THR A 96 -10.60 4.08 -18.98
CA THR A 96 -11.65 4.41 -19.94
C THR A 96 -12.81 3.40 -19.93
N HIS A 97 -12.51 2.09 -19.82
CA HIS A 97 -13.58 1.12 -19.77
C HIS A 97 -14.32 1.24 -18.45
N ALA A 98 -13.62 1.65 -17.37
CA ALA A 98 -14.26 1.85 -16.07
C ALA A 98 -15.16 3.05 -16.21
N LEU A 99 -14.72 4.15 -16.87
CA LEU A 99 -15.58 5.30 -17.03
C LEU A 99 -16.86 4.97 -17.83
N GLU A 100 -16.77 4.36 -19.06
CA GLU A 100 -17.95 3.97 -19.86
C GLU A 100 -18.95 3.26 -18.96
N GLN A 101 -18.47 2.29 -18.14
CA GLN A 101 -19.27 1.50 -17.19
C GLN A 101 -19.79 2.39 -16.05
N ALA A 102 -18.91 3.20 -15.42
CA ALA A 102 -19.24 4.12 -14.34
C ALA A 102 -20.27 5.17 -14.73
N LEU A 103 -20.69 5.21 -16.01
CA LEU A 103 -21.72 6.12 -16.50
C LEU A 103 -23.07 5.61 -16.03
N ASP A 104 -23.16 4.30 -15.81
CA ASP A 104 -24.39 3.65 -15.35
C ASP A 104 -24.81 4.25 -14.05
N PHE A 105 -23.83 4.46 -13.18
CA PHE A 105 -24.00 4.97 -11.83
C PHE A 105 -24.69 6.31 -11.75
N VAL A 106 -24.28 7.20 -12.68
CA VAL A 106 -24.68 8.59 -12.77
C VAL A 106 -25.92 8.81 -13.63
N ARG A 107 -26.12 8.07 -14.77
CA ARG A 107 -27.31 8.28 -15.62
C ARG A 107 -28.62 8.07 -14.84
N ALA A 108 -28.49 7.44 -13.64
CA ALA A 108 -29.54 7.21 -12.62
C ALA A 108 -29.98 8.59 -12.00
N SER A 109 -29.48 9.73 -12.60
CA SER A 109 -29.70 11.13 -12.20
C SER A 109 -29.48 12.08 -13.41
N LEU A 110 -29.49 11.54 -14.64
CA LEU A 110 -29.25 12.36 -15.84
C LEU A 110 -30.17 11.99 -17.01
N PRO A 133 -37.51 5.06 -10.55
CA PRO A 133 -36.29 5.86 -10.79
C PRO A 133 -35.30 5.81 -9.60
N THR A 134 -34.58 4.66 -9.45
CA THR A 134 -33.63 4.41 -8.33
C THR A 134 -32.13 4.71 -8.66
N ALA A 135 -31.46 5.42 -7.74
CA ALA A 135 -30.07 5.82 -7.91
C ALA A 135 -29.07 5.04 -7.08
N ILE A 136 -27.78 5.12 -7.49
CA ILE A 136 -26.66 4.52 -6.79
C ILE A 136 -26.36 5.48 -5.65
N THR A 137 -26.49 5.00 -4.43
CA THR A 137 -26.29 5.73 -3.16
C THR A 137 -24.83 5.99 -2.85
N GLY A 138 -23.94 5.06 -3.25
CA GLY A 138 -22.50 5.11 -3.04
C GLY A 138 -21.82 4.03 -3.84
N VAL A 139 -20.57 4.25 -4.25
CA VAL A 139 -19.79 3.29 -5.05
C VAL A 139 -18.74 2.64 -4.20
N ILE A 140 -18.61 1.34 -4.28
CA ILE A 140 -17.51 0.66 -3.60
C ILE A 140 -16.66 0.23 -4.73
N GLY A 141 -15.49 0.82 -4.83
CA GLY A 141 -14.68 0.46 -5.94
C GLY A 141 -13.59 1.39 -6.41
N GLY A 142 -13.00 0.79 -7.42
CA GLY A 142 -11.80 1.13 -8.12
C GLY A 142 -10.81 0.25 -7.41
N SER A 143 -10.20 -0.69 -8.15
CA SER A 143 -9.09 -1.45 -7.60
C SER A 143 -7.91 -0.56 -7.92
N TYR A 144 -7.68 -0.36 -9.23
CA TYR A 144 -6.62 0.48 -9.77
C TYR A 144 -6.83 1.95 -9.50
N SER A 145 -5.74 2.67 -9.24
CA SER A 145 -5.84 4.07 -8.93
C SER A 145 -6.33 4.86 -10.08
N ASP A 146 -5.77 4.65 -11.29
CA ASP A 146 -6.25 5.34 -12.49
C ASP A 146 -7.78 5.10 -12.70
N VAL A 147 -8.27 3.88 -12.39
CA VAL A 147 -9.68 3.51 -12.45
C VAL A 147 -10.46 4.37 -11.44
N SER A 148 -9.99 4.47 -10.18
CA SER A 148 -10.68 5.27 -9.16
C SER A 148 -10.67 6.75 -9.46
N ILE A 149 -9.54 7.31 -9.93
CA ILE A 149 -9.50 8.71 -10.35
C ILE A 149 -10.57 8.98 -11.42
N GLN A 150 -10.67 8.11 -12.45
CA GLN A 150 -11.67 8.30 -13.49
C GLN A 150 -13.10 8.31 -12.96
N VAL A 151 -13.41 7.37 -12.11
CA VAL A 151 -14.73 7.25 -11.52
C VAL A 151 -15.00 8.38 -10.48
N ALA A 152 -13.96 8.84 -9.75
CA ALA A 152 -14.07 9.91 -8.76
C ALA A 152 -14.33 11.26 -9.44
N ASN A 153 -13.84 11.43 -10.67
CA ASN A 153 -14.05 12.67 -11.38
C ASN A 153 -15.49 12.76 -11.90
N LEU A 154 -16.16 11.61 -12.07
CA LEU A 154 -17.52 11.59 -12.56
C LEU A 154 -18.54 11.66 -11.41
N LEU A 155 -18.33 10.83 -10.35
CA LEU A 155 -19.18 10.75 -9.18
C LEU A 155 -19.22 12.06 -8.36
N ARG A 156 -18.16 12.87 -8.43
CA ARG A 156 -18.16 14.12 -7.65
C ARG A 156 -19.22 15.07 -8.17
N LEU A 157 -19.53 14.93 -9.47
CA LEU A 157 -20.52 15.75 -10.17
C LEU A 157 -21.92 15.32 -9.81
N PHE A 158 -22.05 14.20 -9.10
CA PHE A 158 -23.37 13.71 -8.70
C PHE A 158 -23.40 13.41 -7.22
N GLN A 159 -22.46 14.04 -6.49
CA GLN A 159 -22.29 13.91 -5.04
C GLN A 159 -22.43 12.42 -4.61
N ILE A 160 -21.71 11.52 -5.31
CA ILE A 160 -21.81 10.12 -4.98
C ILE A 160 -20.61 9.72 -4.13
N PRO A 161 -20.79 9.32 -2.84
CA PRO A 161 -19.64 8.89 -2.04
C PRO A 161 -19.05 7.60 -2.62
N GLN A 162 -17.72 7.44 -2.51
CA GLN A 162 -16.98 6.35 -3.11
C GLN A 162 -15.91 5.91 -2.17
N ILE A 163 -15.80 4.60 -1.96
CA ILE A 163 -14.76 4.04 -1.10
C ILE A 163 -14.02 2.98 -1.89
N SER A 164 -12.71 3.19 -2.14
CA SER A 164 -11.86 2.24 -2.87
C SER A 164 -11.30 1.37 -1.85
N TYR A 165 -11.00 0.15 -2.23
CA TYR A 165 -10.51 -0.90 -1.31
C TYR A 165 -9.12 -1.33 -1.75
N ALA A 166 -8.56 -0.66 -2.74
CA ALA A 166 -7.24 -1.02 -3.26
C ALA A 166 -6.46 0.14 -3.87
N SER A 167 -7.13 1.23 -4.29
CA SER A 167 -6.44 2.35 -4.92
C SER A 167 -5.60 3.10 -3.88
N THR A 168 -4.25 3.01 -4.07
CA THR A 168 -3.26 3.50 -3.10
C THR A 168 -2.49 4.70 -3.55
N SER A 169 -2.85 5.28 -4.71
CA SER A 169 -2.17 6.47 -5.26
C SER A 169 -2.29 7.67 -4.34
N ALA A 170 -1.15 8.26 -3.99
CA ALA A 170 -1.08 9.46 -3.17
C ALA A 170 -1.96 10.59 -3.74
N LYS A 171 -2.14 10.59 -5.10
CA LYS A 171 -2.95 11.56 -5.84
C LYS A 171 -4.38 11.62 -5.33
N LEU A 172 -4.98 10.46 -4.96
CA LEU A 172 -6.38 10.36 -4.50
C LEU A 172 -6.63 11.06 -3.16
N SER A 173 -5.56 11.43 -2.41
CA SER A 173 -5.68 12.17 -1.15
C SER A 173 -6.03 13.66 -1.36
N ASP A 174 -5.86 14.18 -2.60
CA ASP A 174 -6.14 15.58 -2.97
C ASP A 174 -7.63 15.83 -2.99
N LYS A 175 -8.17 16.38 -1.89
CA LYS A 175 -9.62 16.61 -1.79
C LYS A 175 -10.12 17.80 -2.63
N SER A 176 -9.23 18.52 -3.34
CA SER A 176 -9.69 19.58 -4.23
C SER A 176 -10.22 18.92 -5.52
N ARG A 177 -9.64 17.74 -5.82
CA ARG A 177 -9.96 16.91 -6.98
C ARG A 177 -10.97 15.80 -6.66
N TYR A 178 -10.72 15.05 -5.53
CA TYR A 178 -11.43 13.85 -5.11
C TYR A 178 -12.20 13.97 -3.75
N ASP A 179 -13.07 14.99 -3.67
CA ASP A 179 -13.85 15.35 -2.48
C ASP A 179 -14.94 14.38 -2.10
N TYR A 180 -15.21 13.39 -2.98
CA TYR A 180 -16.20 12.34 -2.74
C TYR A 180 -15.58 10.95 -2.59
N PHE A 181 -14.26 10.93 -2.28
CA PHE A 181 -13.44 9.72 -2.20
C PHE A 181 -12.86 9.42 -0.87
N ALA A 182 -13.03 8.19 -0.42
CA ALA A 182 -12.43 7.65 0.79
C ALA A 182 -11.89 6.29 0.39
N ARG A 183 -11.02 5.71 1.19
CA ARG A 183 -10.47 4.39 0.87
C ARG A 183 -10.12 3.66 2.14
N THR A 184 -10.46 2.38 2.20
CA THR A 184 -10.12 1.56 3.37
C THR A 184 -8.62 1.19 3.38
N VAL A 185 -7.91 1.40 2.28
CA VAL A 185 -6.48 1.11 2.17
C VAL A 185 -5.67 2.44 2.23
N PRO A 186 -4.59 2.58 3.01
CA PRO A 186 -3.89 3.88 3.05
C PRO A 186 -2.94 4.12 1.87
N PRO A 187 -2.64 5.39 1.51
CA PRO A 187 -1.73 5.66 0.40
C PRO A 187 -0.33 5.13 0.67
N ASP A 188 0.40 4.82 -0.39
CA ASP A 188 1.75 4.28 -0.29
C ASP A 188 2.76 5.32 0.30
N PHE A 189 2.37 6.63 0.33
CA PHE A 189 3.22 7.67 0.90
C PHE A 189 3.45 7.46 2.41
N PHE A 190 2.62 6.61 3.03
CA PHE A 190 2.75 6.29 4.44
C PHE A 190 3.88 5.31 4.67
N GLN A 191 4.11 4.40 3.72
CA GLN A 191 5.20 3.46 3.92
C GLN A 191 6.57 4.10 3.71
N ALA A 192 6.63 5.30 3.07
CA ALA A 192 7.87 6.07 2.90
C ALA A 192 8.20 6.71 4.26
N LYS A 193 7.17 7.19 4.99
CA LYS A 193 7.31 7.77 6.33
C LYS A 193 7.91 6.72 7.26
N ALA A 194 7.39 5.48 7.22
CA ALA A 194 7.87 4.37 8.04
C ALA A 194 9.32 4.02 7.72
N MET A 195 9.68 3.99 6.42
CA MET A 195 11.02 3.69 5.95
C MET A 195 12.01 4.68 6.50
N ALA A 196 11.68 6.00 6.42
CA ALA A 196 12.52 7.06 6.96
C ALA A 196 12.70 6.90 8.48
N GLU A 197 11.64 6.43 9.19
CA GLU A 197 11.70 6.21 10.62
C GLU A 197 12.63 5.05 10.99
N ILE A 198 12.74 4.02 10.11
CA ILE A 198 13.64 2.86 10.29
C ILE A 198 15.11 3.33 10.23
N LEU A 199 15.45 4.11 9.18
CA LEU A 199 16.79 4.60 9.01
C LEU A 199 17.19 5.53 10.13
N ARG A 200 16.31 6.49 10.52
CA ARG A 200 16.60 7.43 11.63
C ARG A 200 16.76 6.72 12.98
N PHE A 201 16.23 5.48 13.11
CA PHE A 201 16.36 4.65 14.32
C PHE A 201 17.73 3.98 14.37
N PHE A 202 18.17 3.44 13.21
CA PHE A 202 19.45 2.76 13.05
C PHE A 202 20.59 3.74 12.77
N ASN A 203 20.22 5.03 12.61
CA ASN A 203 21.08 6.19 12.36
C ASN A 203 21.82 6.06 11.01
N TRP A 204 21.13 5.48 10.01
CA TRP A 204 21.60 5.31 8.63
C TRP A 204 21.35 6.63 7.89
N THR A 205 22.27 7.61 8.09
CA THR A 205 22.20 8.97 7.53
C THR A 205 22.57 9.03 6.04
N TYR A 206 23.63 8.33 5.58
CA TYR A 206 24.00 8.32 4.15
C TYR A 206 23.46 7.04 3.52
N VAL A 207 22.41 7.18 2.69
CA VAL A 207 21.74 6.07 2.01
C VAL A 207 21.54 6.38 0.51
N SER A 208 21.55 5.35 -0.36
CA SER A 208 21.26 5.50 -1.79
C SER A 208 19.76 5.16 -1.97
N THR A 209 19.06 5.76 -2.97
CA THR A 209 17.63 5.46 -3.18
C THR A 209 17.38 5.01 -4.59
N VAL A 210 16.56 3.97 -4.75
CA VAL A 210 16.15 3.46 -6.06
C VAL A 210 14.60 3.51 -6.13
N ALA A 211 14.06 3.96 -7.28
CA ALA A 211 12.61 4.08 -7.52
C ALA A 211 12.24 3.52 -8.88
N SER A 212 11.13 2.76 -8.99
CA SER A 212 10.69 2.23 -10.28
C SER A 212 10.01 3.33 -11.04
N GLU A 213 10.21 3.38 -12.36
CA GLU A 213 9.58 4.42 -13.19
C GLU A 213 8.08 4.20 -13.20
N GLY A 214 7.34 5.18 -12.67
CA GLY A 214 5.89 5.16 -12.58
C GLY A 214 5.37 6.06 -11.48
N ASP A 215 4.04 5.97 -11.20
CA ASP A 215 3.41 6.74 -10.11
C ASP A 215 3.94 6.21 -8.76
N TYR A 216 4.02 4.87 -8.59
CA TYR A 216 4.47 4.20 -7.38
C TYR A 216 5.89 4.54 -6.94
N GLY A 217 6.87 4.32 -7.84
CA GLY A 217 8.28 4.58 -7.58
C GLY A 217 8.55 6.05 -7.31
N GLU A 218 8.33 6.90 -8.33
CA GLU A 218 8.51 8.36 -8.27
C GLU A 218 7.82 8.99 -6.99
N THR A 219 6.47 8.96 -6.83
CA THR A 219 5.76 9.58 -5.66
C THR A 219 6.20 9.04 -4.29
N GLY A 220 6.52 7.75 -4.25
CA GLY A 220 6.96 7.08 -3.02
C GLY A 220 8.30 7.57 -2.52
N ILE A 221 9.30 7.52 -3.41
CA ILE A 221 10.66 7.95 -3.16
C ILE A 221 10.70 9.44 -2.82
N GLU A 222 9.86 10.26 -3.49
CA GLU A 222 9.72 11.70 -3.27
C GLU A 222 9.25 11.97 -1.84
N ALA A 223 8.21 11.22 -1.37
CA ALA A 223 7.72 11.35 -0.01
C ALA A 223 8.80 10.87 0.95
N PHE A 224 9.58 9.85 0.55
CA PHE A 224 10.67 9.33 1.37
C PHE A 224 11.69 10.41 1.59
N GLU A 225 12.27 10.99 0.50
CA GLU A 225 13.28 12.07 0.53
C GLU A 225 12.85 13.21 1.45
N LEU A 226 11.55 13.55 1.42
CA LEU A 226 10.94 14.60 2.24
C LEU A 226 10.95 14.22 3.70
N GLU A 227 10.64 12.94 4.00
CA GLU A 227 10.65 12.42 5.36
C GLU A 227 12.09 12.17 5.83
N ALA A 228 13.01 11.97 4.88
CA ALA A 228 14.43 11.76 5.14
C ALA A 228 15.06 13.10 5.56
N ARG A 229 14.80 14.20 4.80
CA ARG A 229 15.28 15.56 5.06
C ARG A 229 14.84 16.09 6.45
N ALA A 230 13.61 15.75 6.90
CA ALA A 230 13.11 16.18 8.22
C ALA A 230 13.68 15.32 9.36
N ARG A 231 14.27 14.16 9.02
CA ARG A 231 14.91 13.24 9.97
C ARG A 231 16.45 13.27 9.81
N ASN A 232 16.92 14.22 8.98
CA ASN A 232 18.33 14.50 8.65
C ASN A 232 19.07 13.27 8.04
N ILE A 233 18.46 12.70 6.97
CA ILE A 233 18.96 11.55 6.19
C ILE A 233 19.24 12.04 4.75
N CYS A 234 20.50 11.93 4.29
CA CYS A 234 20.94 12.39 2.97
C CYS A 234 20.87 11.28 1.93
N VAL A 235 20.44 11.64 0.71
CA VAL A 235 20.38 10.68 -0.40
C VAL A 235 21.70 10.75 -1.15
N ALA A 236 22.56 9.75 -0.91
CA ALA A 236 23.87 9.55 -1.53
C ALA A 236 23.72 9.62 -3.05
N THR A 237 22.82 8.79 -3.60
CA THR A 237 22.53 8.76 -5.02
C THR A 237 21.10 8.36 -5.28
N SER A 238 20.36 9.21 -5.97
CA SER A 238 19.00 8.93 -6.39
C SER A 238 19.11 8.15 -7.70
N GLU A 239 18.28 7.13 -7.85
CA GLU A 239 18.27 6.27 -9.04
C GLU A 239 16.85 5.88 -9.41
N LYS A 240 16.58 5.75 -10.72
CA LYS A 240 15.29 5.34 -11.26
C LYS A 240 15.48 4.07 -12.08
N VAL A 241 14.44 3.22 -12.14
CA VAL A 241 14.49 1.98 -12.91
C VAL A 241 13.26 1.86 -13.80
N GLY A 242 13.47 2.13 -15.09
CA GLY A 242 12.47 2.10 -16.15
C GLY A 242 11.79 0.76 -16.35
N ARG A 243 10.81 0.74 -17.28
CA ARG A 243 9.99 -0.43 -17.60
C ARG A 243 10.81 -1.67 -18.02
N ALA A 244 11.12 -1.80 -19.33
CA ALA A 244 11.84 -2.95 -19.87
C ALA A 244 13.38 -2.78 -19.94
N MET A 245 14.05 -2.78 -18.76
CA MET A 245 15.50 -2.66 -18.64
C MET A 245 16.16 -4.05 -18.70
N SER A 246 17.16 -4.22 -19.60
CA SER A 246 17.86 -5.49 -19.83
C SER A 246 18.64 -6.03 -18.61
N ARG A 247 19.03 -7.32 -18.66
CA ARG A 247 19.79 -8.01 -17.62
C ARG A 247 21.06 -7.27 -17.25
N ALA A 248 21.78 -6.76 -18.28
CA ALA A 248 23.01 -5.98 -18.13
C ALA A 248 22.74 -4.50 -17.79
N ALA A 249 21.51 -3.99 -18.08
CA ALA A 249 21.12 -2.60 -17.80
C ALA A 249 20.99 -2.38 -16.30
N PHE A 250 20.26 -3.28 -15.61
CA PHE A 250 20.04 -3.27 -14.16
C PHE A 250 21.38 -3.37 -13.40
N GLU A 251 22.38 -4.03 -14.01
CA GLU A 251 23.73 -4.17 -13.46
C GLU A 251 24.45 -2.81 -13.42
N GLY A 252 24.06 -1.89 -14.31
CA GLY A 252 24.59 -0.53 -14.38
C GLY A 252 24.16 0.28 -13.18
N VAL A 253 22.89 0.09 -12.75
CA VAL A 253 22.25 0.72 -11.59
C VAL A 253 23.00 0.34 -10.28
N VAL A 254 23.48 -0.93 -10.20
CA VAL A 254 24.24 -1.46 -9.07
C VAL A 254 25.60 -0.73 -8.98
N ARG A 255 26.31 -0.55 -10.12
CA ARG A 255 27.61 0.15 -10.21
C ARG A 255 27.45 1.64 -9.92
N ALA A 256 26.24 2.19 -10.17
CA ALA A 256 25.88 3.58 -9.92
C ALA A 256 25.75 3.81 -8.41
N LEU A 257 25.09 2.86 -7.72
CA LEU A 257 24.90 2.91 -6.26
C LEU A 257 26.25 2.69 -5.55
N LEU A 258 27.15 1.87 -6.13
CA LEU A 258 28.48 1.58 -5.58
C LEU A 258 29.49 2.69 -5.86
N GLN A 259 29.20 3.62 -6.80
CA GLN A 259 30.05 4.78 -7.14
C GLN A 259 30.35 5.63 -5.90
N LYS A 260 29.39 5.64 -4.94
CA LYS A 260 29.45 6.23 -3.61
C LYS A 260 29.33 4.99 -2.67
N PRO A 261 30.47 4.31 -2.35
CA PRO A 261 30.38 3.04 -1.61
C PRO A 261 30.23 3.13 -0.08
N SER A 262 30.28 4.36 0.46
CA SER A 262 30.14 4.63 1.89
C SER A 262 28.71 4.41 2.38
N ALA A 263 27.71 4.36 1.45
CA ALA A 263 26.29 4.12 1.72
C ALA A 263 25.90 2.67 1.40
N ARG A 264 25.87 1.82 2.44
CA ARG A 264 25.53 0.40 2.35
C ARG A 264 24.01 0.21 2.27
N VAL A 265 23.23 1.19 2.76
CA VAL A 265 21.77 1.13 2.77
C VAL A 265 21.16 1.67 1.46
N ALA A 266 20.41 0.78 0.80
CA ALA A 266 19.69 1.04 -0.45
C ALA A 266 18.21 1.02 -0.11
N VAL A 267 17.52 2.14 -0.38
CA VAL A 267 16.11 2.28 -0.10
C VAL A 267 15.38 2.00 -1.39
N LEU A 268 14.71 0.87 -1.45
CA LEU A 268 13.97 0.48 -2.63
C LEU A 268 12.47 0.83 -2.56
N PHE A 269 12.01 1.66 -3.50
CA PHE A 269 10.59 1.95 -3.64
C PHE A 269 10.30 1.53 -5.06
N THR A 270 10.43 0.23 -5.28
CA THR A 270 10.31 -0.40 -6.58
C THR A 270 9.14 -1.33 -6.65
N ARG A 271 8.75 -1.70 -7.89
CA ARG A 271 7.72 -2.68 -8.19
C ARG A 271 8.38 -4.05 -8.02
N SER A 272 7.58 -5.07 -7.71
CA SER A 272 8.04 -6.46 -7.52
C SER A 272 9.05 -6.94 -8.63
N GLU A 273 8.75 -6.59 -9.92
CA GLU A 273 9.51 -6.92 -11.14
C GLU A 273 10.94 -6.38 -11.09
N ASP A 274 11.06 -5.08 -10.74
CA ASP A 274 12.30 -4.34 -10.65
C ASP A 274 13.13 -4.78 -9.45
N ALA A 275 12.48 -4.88 -8.26
CA ALA A 275 13.10 -5.33 -7.01
C ALA A 275 13.75 -6.70 -7.15
N ARG A 276 13.20 -7.57 -8.06
CA ARG A 276 13.73 -8.91 -8.34
C ARG A 276 14.93 -8.85 -9.30
N GLU A 277 14.78 -8.09 -10.42
CA GLU A 277 15.82 -7.93 -11.44
C GLU A 277 17.06 -7.20 -10.90
N LEU A 278 16.86 -6.24 -9.96
CA LEU A 278 17.91 -5.46 -9.30
C LEU A 278 18.66 -6.28 -8.25
N LEU A 279 17.94 -7.20 -7.58
CA LEU A 279 18.47 -8.10 -6.56
C LEU A 279 19.38 -9.15 -7.19
N ALA A 280 19.04 -9.60 -8.42
CA ALA A 280 19.77 -10.58 -9.22
C ALA A 280 21.03 -9.96 -9.82
N ALA A 281 20.96 -8.67 -10.22
CA ALA A 281 22.05 -7.86 -10.77
C ALA A 281 23.02 -7.44 -9.66
N SER A 282 22.56 -7.52 -8.39
CA SER A 282 23.33 -7.24 -7.19
C SER A 282 24.10 -8.52 -6.82
N GLN A 283 23.41 -9.70 -6.88
CA GLN A 283 23.98 -11.03 -6.60
C GLN A 283 25.00 -11.41 -7.68
N ARG A 284 24.64 -11.19 -8.98
CA ARG A 284 25.49 -11.47 -10.14
C ARG A 284 26.83 -10.75 -10.03
N LEU A 285 26.80 -9.43 -9.70
CA LEU A 285 28.01 -8.63 -9.50
C LEU A 285 28.60 -8.82 -8.09
N ASN A 286 27.87 -9.55 -7.20
CA ASN A 286 28.25 -9.82 -5.80
C ASN A 286 28.46 -8.52 -5.01
N ALA A 287 27.33 -7.82 -4.73
CA ALA A 287 27.28 -6.54 -4.02
C ALA A 287 26.59 -6.68 -2.68
N SER A 288 27.22 -6.20 -1.61
CA SER A 288 26.68 -6.28 -0.25
C SER A 288 25.86 -5.03 0.08
N PHE A 289 24.51 -5.16 0.01
CA PHE A 289 23.58 -4.05 0.29
C PHE A 289 22.58 -4.32 1.41
N THR A 290 22.31 -3.28 2.23
CA THR A 290 21.33 -3.31 3.31
C THR A 290 20.05 -2.72 2.73
N TRP A 291 19.20 -3.58 2.19
CA TRP A 291 17.98 -3.16 1.54
C TRP A 291 16.92 -2.74 2.52
N VAL A 292 16.27 -1.62 2.27
CA VAL A 292 15.13 -1.15 3.04
C VAL A 292 14.13 -0.88 1.91
N ALA A 293 13.22 -1.85 1.67
CA ALA A 293 12.27 -1.85 0.56
C ALA A 293 10.80 -1.68 0.92
N SER A 294 10.05 -1.19 -0.05
CA SER A 294 8.62 -0.95 -0.02
C SER A 294 7.87 -2.27 -0.22
N ASP A 295 6.52 -2.24 -0.18
CA ASP A 295 5.67 -3.42 -0.37
C ASP A 295 5.76 -3.96 -1.80
N GLY A 296 6.60 -3.32 -2.63
CA GLY A 296 6.88 -3.78 -3.97
C GLY A 296 7.56 -5.12 -3.82
N TRP A 297 8.61 -5.12 -2.99
CA TRP A 297 9.40 -6.28 -2.57
C TRP A 297 8.55 -7.04 -1.55
N GLY A 298 8.06 -6.32 -0.54
CA GLY A 298 7.23 -6.86 0.55
C GLY A 298 7.82 -8.12 1.17
N ALA A 299 6.96 -9.12 1.46
CA ALA A 299 7.41 -10.40 2.02
C ALA A 299 7.26 -11.54 1.00
N LEU A 300 7.52 -11.21 -0.29
CA LEU A 300 7.40 -12.13 -1.43
C LEU A 300 8.60 -13.03 -1.63
N GLU A 301 8.35 -14.37 -1.66
CA GLU A 301 9.38 -15.37 -1.90
C GLU A 301 9.77 -15.32 -3.40
N SER A 302 8.90 -14.67 -4.22
CA SER A 302 9.09 -14.45 -5.65
C SER A 302 10.20 -13.45 -5.97
N VAL A 303 10.30 -12.33 -5.19
CA VAL A 303 11.33 -11.26 -5.33
C VAL A 303 12.72 -11.83 -5.01
N VAL A 304 12.81 -12.56 -3.90
CA VAL A 304 14.07 -13.18 -3.52
C VAL A 304 14.18 -14.55 -4.21
N ALA A 305 14.62 -14.54 -5.48
CA ALA A 305 14.81 -15.74 -6.30
C ALA A 305 16.28 -15.88 -6.70
N GLY A 306 16.92 -16.94 -6.20
CA GLY A 306 18.33 -17.24 -6.46
C GLY A 306 19.33 -16.27 -5.86
N SER A 307 18.84 -15.08 -5.43
CA SER A 307 19.64 -14.00 -4.85
C SER A 307 19.40 -13.90 -3.32
N GLU A 308 19.19 -15.06 -2.67
CA GLU A 308 18.92 -15.19 -1.23
C GLU A 308 19.98 -14.53 -0.33
N GLY A 309 21.25 -14.87 -0.56
CA GLY A 309 22.38 -14.31 0.19
C GLY A 309 22.52 -12.82 -0.01
N ALA A 310 22.23 -12.33 -1.23
CA ALA A 310 22.27 -10.91 -1.60
C ALA A 310 21.13 -10.14 -0.92
N ALA A 311 19.96 -10.79 -0.80
CA ALA A 311 18.77 -10.23 -0.20
C ALA A 311 18.78 -10.29 1.30
N GLU A 312 19.68 -11.08 1.91
CA GLU A 312 19.77 -11.25 3.36
C GLU A 312 19.85 -9.92 4.12
N GLY A 313 19.20 -9.90 5.29
CA GLY A 313 19.16 -8.75 6.19
C GLY A 313 18.26 -7.61 5.76
N ALA A 314 17.68 -7.70 4.55
CA ALA A 314 16.79 -6.72 3.96
C ALA A 314 15.61 -6.46 4.84
N ILE A 315 15.29 -5.18 5.08
CA ILE A 315 14.11 -4.77 5.83
C ILE A 315 13.05 -4.39 4.78
N THR A 316 11.89 -5.02 4.83
CA THR A 316 10.82 -4.74 3.88
C THR A 316 9.51 -4.44 4.60
N ILE A 317 8.77 -3.48 4.08
CA ILE A 317 7.48 -3.05 4.59
C ILE A 317 6.37 -3.70 3.72
N GLU A 318 5.24 -4.03 4.35
CA GLU A 318 4.11 -4.70 3.71
C GLU A 318 2.85 -4.34 4.43
N LEU A 319 1.89 -3.78 3.72
CA LEU A 319 0.57 -3.42 4.22
C LEU A 319 -0.05 -4.59 5.02
N ALA A 320 -0.44 -4.33 6.28
CA ALA A 320 -0.94 -5.39 7.17
C ALA A 320 -2.43 -5.74 7.05
N SER A 321 -2.68 -6.96 6.58
CA SER A 321 -4.02 -7.53 6.41
C SER A 321 -4.12 -8.88 7.16
N TYR A 322 -5.30 -9.48 7.17
CA TYR A 322 -5.54 -10.77 7.77
C TYR A 322 -6.56 -11.49 6.88
N PRO A 323 -6.64 -12.84 6.91
CA PRO A 323 -7.70 -13.48 6.14
C PRO A 323 -8.99 -13.27 6.92
N ILE A 324 -10.07 -12.98 6.20
CA ILE A 324 -11.38 -12.77 6.80
C ILE A 324 -12.01 -14.16 7.14
N SER A 325 -12.79 -14.23 8.21
CA SER A 325 -13.45 -15.49 8.57
C SER A 325 -14.70 -15.65 7.70
N ASP A 326 -15.15 -16.88 7.48
CA ASP A 326 -16.34 -17.25 6.72
C ASP A 326 -16.28 -17.05 5.20
N PHE A 327 -15.45 -16.13 4.66
CA PHE A 327 -15.39 -15.93 3.19
C PHE A 327 -14.84 -17.13 2.48
N ALA A 328 -13.80 -17.73 3.06
CA ALA A 328 -13.16 -18.90 2.47
C ALA A 328 -14.19 -19.98 2.11
N SER A 329 -15.04 -20.39 3.07
CA SER A 329 -16.09 -21.40 2.84
C SER A 329 -17.25 -20.87 1.99
N TYR A 330 -17.46 -19.54 1.96
CA TYR A 330 -18.49 -18.90 1.12
C TYR A 330 -18.08 -19.14 -0.31
N PHE A 331 -16.87 -18.66 -0.64
CA PHE A 331 -16.27 -18.78 -1.94
C PHE A 331 -16.11 -20.23 -2.41
N GLN A 332 -15.38 -21.08 -1.65
CA GLN A 332 -15.11 -22.47 -2.04
C GLN A 332 -16.36 -23.32 -2.29
N SER A 333 -17.52 -22.87 -1.78
CA SER A 333 -18.81 -23.54 -1.96
C SER A 333 -19.60 -22.98 -3.17
N LEU A 334 -19.02 -22.01 -3.90
CA LEU A 334 -19.68 -21.44 -5.08
C LEU A 334 -19.55 -22.39 -6.26
N ASP A 335 -20.66 -22.62 -6.95
CA ASP A 335 -20.71 -23.48 -8.12
C ASP A 335 -21.37 -22.73 -9.28
N PRO A 336 -21.12 -23.09 -10.57
CA PRO A 336 -21.70 -22.30 -11.67
C PRO A 336 -23.21 -22.38 -11.82
N TRP A 337 -23.85 -23.42 -11.27
CA TRP A 337 -25.31 -23.61 -11.36
C TRP A 337 -26.09 -22.76 -10.36
N ASN A 338 -25.64 -22.71 -9.09
CA ASN A 338 -26.31 -21.98 -8.02
C ASN A 338 -25.90 -20.49 -7.93
N ASN A 339 -24.65 -20.12 -8.36
CA ASN A 339 -24.17 -18.72 -8.41
C ASN A 339 -24.53 -18.03 -9.75
N SER A 340 -25.84 -17.89 -9.99
CA SER A 340 -26.39 -17.29 -11.20
C SER A 340 -26.25 -15.77 -11.16
N ARG A 341 -26.31 -15.20 -9.94
CA ARG A 341 -26.27 -13.75 -9.70
C ARG A 341 -25.04 -13.08 -10.24
N ASN A 342 -23.87 -13.74 -10.17
CA ASN A 342 -22.62 -13.19 -10.68
C ASN A 342 -22.51 -13.60 -12.12
N PRO A 343 -22.68 -12.66 -13.07
CA PRO A 343 -22.70 -13.04 -14.50
C PRO A 343 -21.40 -13.67 -14.99
N TRP A 344 -20.28 -13.23 -14.38
CA TRP A 344 -18.94 -13.69 -14.75
C TRP A 344 -18.50 -14.97 -14.04
N PHE A 345 -19.36 -15.58 -13.19
CA PHE A 345 -18.97 -16.82 -12.51
C PHE A 345 -18.78 -17.98 -13.49
N ARG A 346 -19.73 -18.21 -14.44
CA ARG A 346 -19.60 -19.28 -15.44
C ARG A 346 -18.38 -19.03 -16.31
N GLU A 347 -18.11 -17.74 -16.66
CA GLU A 347 -16.93 -17.39 -17.46
C GLU A 347 -15.63 -17.77 -16.72
N PHE A 348 -15.53 -17.39 -15.44
CA PHE A 348 -14.39 -17.68 -14.57
C PHE A 348 -14.21 -19.20 -14.38
N TRP A 349 -15.32 -19.94 -14.13
CA TRP A 349 -15.30 -21.38 -13.90
C TRP A 349 -14.56 -22.09 -14.99
N GLU A 350 -15.03 -21.89 -16.24
CA GLU A 350 -14.45 -22.45 -17.46
C GLU A 350 -12.95 -22.10 -17.57
N GLN A 351 -12.54 -20.90 -17.09
CA GLN A 351 -11.13 -20.53 -17.09
C GLN A 351 -10.31 -21.34 -16.08
N ARG A 352 -10.57 -21.17 -14.75
CA ARG A 352 -9.88 -21.84 -13.65
C ARG A 352 -9.71 -23.36 -13.84
N PHE A 353 -10.79 -24.05 -14.26
CA PHE A 353 -10.78 -25.50 -14.44
C PHE A 353 -10.53 -25.98 -15.89
N ARG A 354 -10.29 -25.03 -16.83
CA ARG A 354 -10.02 -25.29 -18.24
C ARG A 354 -11.01 -26.33 -18.86
N CYS A 355 -12.32 -26.16 -18.57
CA CYS A 355 -13.42 -26.99 -19.09
C CYS A 355 -14.46 -26.15 -19.86
N SER A 356 -15.49 -26.80 -20.44
CA SER A 356 -16.58 -26.11 -21.17
C SER A 356 -17.95 -26.69 -20.84
N PHE A 357 -18.99 -25.84 -20.92
CA PHE A 357 -20.42 -26.15 -20.70
C PHE A 357 -20.84 -27.38 -21.53
N ARG A 358 -20.40 -27.41 -22.82
CA ARG A 358 -20.66 -28.43 -23.84
C ARG A 358 -19.82 -29.67 -23.59
N GLN A 359 -18.58 -29.48 -23.07
CA GLN A 359 -17.61 -30.53 -22.73
C GLN A 359 -18.06 -31.43 -21.55
N ARG A 360 -19.28 -31.16 -20.96
CA ARG A 360 -19.97 -31.88 -19.87
C ARG A 360 -19.22 -31.92 -18.52
N ASP A 361 -17.92 -32.25 -18.53
CA ASP A 361 -17.06 -32.35 -17.34
C ASP A 361 -16.65 -30.98 -16.80
N CYS A 362 -17.64 -30.19 -16.37
CA CYS A 362 -17.42 -28.86 -15.79
C CYS A 362 -17.91 -28.79 -14.36
N ALA A 363 -19.14 -29.26 -14.09
CA ALA A 363 -19.75 -29.27 -12.76
C ALA A 363 -19.01 -30.19 -11.77
N ALA A 364 -18.35 -31.26 -12.28
CA ALA A 364 -17.57 -32.27 -11.54
C ALA A 364 -16.47 -31.66 -10.64
N HIS A 365 -15.89 -30.51 -11.06
CA HIS A 365 -14.87 -29.79 -10.30
C HIS A 365 -15.56 -28.97 -9.20
N SER A 366 -14.75 -28.44 -8.25
CA SER A 366 -15.17 -27.54 -7.16
C SER A 366 -13.97 -26.74 -6.69
N LEU A 367 -14.23 -25.50 -6.26
CA LEU A 367 -13.21 -24.60 -5.72
C LEU A 367 -12.67 -25.15 -4.37
N ARG A 368 -13.22 -26.31 -3.96
CA ARG A 368 -12.93 -27.09 -2.74
C ARG A 368 -11.67 -27.93 -2.92
N ALA A 369 -11.53 -28.60 -4.09
CA ALA A 369 -10.39 -29.46 -4.45
C ALA A 369 -9.09 -28.66 -4.56
N VAL A 370 -9.18 -27.43 -5.09
CA VAL A 370 -8.03 -26.55 -5.22
C VAL A 370 -7.85 -25.76 -3.89
N PRO A 371 -6.68 -25.89 -3.20
CA PRO A 371 -6.48 -25.13 -1.94
C PRO A 371 -6.71 -23.63 -2.12
N PHE A 372 -7.50 -23.00 -1.22
CA PHE A 372 -7.88 -21.58 -1.30
C PHE A 372 -6.84 -20.60 -0.75
N GLU A 373 -6.46 -19.60 -1.57
CA GLU A 373 -5.52 -18.52 -1.21
C GLU A 373 -6.31 -17.19 -1.29
N GLN A 374 -6.64 -16.63 -0.12
CA GLN A 374 -7.46 -15.43 0.01
C GLN A 374 -6.73 -14.13 -0.32
N GLU A 375 -7.07 -13.49 -1.48
CA GLU A 375 -6.51 -12.24 -2.01
C GLU A 375 -6.21 -11.18 -0.92
N SER A 376 -4.99 -10.62 -0.98
CA SER A 376 -4.37 -9.63 -0.08
C SER A 376 -5.33 -8.58 0.49
N LYS A 377 -6.12 -7.95 -0.44
CA LYS A 377 -7.02 -6.85 -0.17
C LYS A 377 -8.46 -7.26 0.11
N ILE A 378 -8.76 -8.59 0.21
CA ILE A 378 -10.15 -9.06 0.53
C ILE A 378 -10.68 -8.32 1.75
N MET A 379 -9.84 -8.25 2.79
CA MET A 379 -10.14 -7.54 4.03
C MET A 379 -10.65 -6.07 3.78
N PHE A 380 -9.96 -5.32 2.92
CA PHE A 380 -10.28 -3.94 2.59
C PHE A 380 -11.56 -3.79 1.84
N VAL A 381 -11.89 -4.81 0.95
CA VAL A 381 -13.14 -4.85 0.17
C VAL A 381 -14.23 -4.81 1.15
N VAL A 382 -14.21 -5.80 2.05
CA VAL A 382 -15.26 -6.04 3.02
C VAL A 382 -15.35 -4.89 4.03
N ASN A 383 -14.22 -4.24 4.33
CA ASN A 383 -14.26 -3.09 5.21
C ASN A 383 -14.90 -1.90 4.50
N ALA A 384 -14.64 -1.73 3.17
CA ALA A 384 -15.24 -0.64 2.43
C ALA A 384 -16.77 -0.80 2.39
N VAL A 385 -17.28 -2.02 2.02
CA VAL A 385 -18.71 -2.34 2.00
C VAL A 385 -19.34 -2.09 3.39
N TYR A 386 -18.70 -2.55 4.48
CA TYR A 386 -19.18 -2.26 5.84
C TYR A 386 -19.08 -0.79 6.20
N ALA A 387 -18.04 -0.05 5.70
CA ALA A 387 -17.92 1.38 6.02
C ALA A 387 -19.07 2.17 5.42
N MET A 388 -19.61 1.69 4.30
CA MET A 388 -20.76 2.30 3.62
C MET A 388 -22.06 1.92 4.35
N ALA A 389 -22.22 0.62 4.66
CA ALA A 389 -23.34 0.04 5.39
C ALA A 389 -23.49 0.77 6.73
N HIS A 390 -22.34 1.02 7.42
CA HIS A 390 -22.30 1.74 8.69
C HIS A 390 -22.65 3.20 8.52
N ALA A 391 -22.01 3.90 7.54
CA ALA A 391 -22.29 5.32 7.28
C ALA A 391 -23.76 5.57 7.04
N LEU A 392 -24.38 4.69 6.26
CA LEU A 392 -25.79 4.77 5.92
C LEU A 392 -26.61 4.46 7.13
N HIS A 393 -26.12 3.54 7.97
CA HIS A 393 -26.82 3.16 9.19
C HIS A 393 -26.88 4.35 10.15
N ASN A 394 -25.73 5.00 10.41
CA ASN A 394 -25.63 6.15 11.31
C ASN A 394 -26.46 7.32 10.80
N MET A 395 -26.43 7.56 9.47
CA MET A 395 -27.24 8.61 8.83
C MET A 395 -28.73 8.31 9.03
N HIS A 396 -29.11 7.02 8.92
CA HIS A 396 -30.46 6.57 9.14
C HIS A 396 -30.87 6.77 10.57
N ARG A 397 -29.98 6.47 11.53
CA ARG A 397 -30.22 6.63 12.97
C ARG A 397 -30.45 8.12 13.33
N ALA A 398 -29.86 9.05 12.52
CA ALA A 398 -29.92 10.50 12.69
C ALA A 398 -31.09 11.13 11.98
N LEU A 399 -31.43 10.66 10.77
CA LEU A 399 -32.52 11.25 9.97
C LEU A 399 -33.87 10.56 10.13
N CYS A 400 -33.87 9.26 10.45
CA CYS A 400 -35.07 8.41 10.59
C CYS A 400 -35.12 7.79 11.97
N PRO A 401 -35.47 8.55 13.02
CA PRO A 401 -35.45 7.98 14.37
C PRO A 401 -36.73 7.27 14.81
N ASN A 402 -37.88 7.56 14.16
CA ASN A 402 -39.17 6.94 14.51
C ASN A 402 -39.45 5.62 13.75
N THR A 403 -38.61 5.24 12.75
CA THR A 403 -38.76 4.00 11.95
C THR A 403 -37.43 3.35 11.63
N THR A 404 -37.45 2.01 11.38
CA THR A 404 -36.28 1.25 10.89
C THR A 404 -36.35 1.35 9.37
N ARG A 405 -37.58 1.57 8.82
CA ARG A 405 -37.89 1.80 7.41
C ARG A 405 -37.09 3.04 6.91
N LEU A 406 -36.78 3.09 5.63
CA LEU A 406 -36.02 4.22 5.09
C LEU A 406 -36.98 5.42 5.02
N CYS A 407 -36.85 6.42 5.92
CA CYS A 407 -37.77 7.57 5.95
C CYS A 407 -37.57 8.58 4.80
N ASP A 408 -38.49 9.55 4.74
CA ASP A 408 -38.54 10.63 3.76
C ASP A 408 -37.30 11.49 3.77
N ALA A 409 -36.74 11.77 4.97
CA ALA A 409 -35.50 12.54 5.12
C ALA A 409 -34.32 11.87 4.42
N MET A 410 -34.50 10.60 4.05
CA MET A 410 -33.48 9.81 3.38
C MET A 410 -33.95 9.26 2.00
N ARG A 411 -35.05 9.83 1.52
CA ARG A 411 -35.62 9.52 0.23
C ARG A 411 -35.58 10.81 -0.58
N PRO A 412 -34.46 11.14 -1.27
CA PRO A 412 -33.23 10.35 -1.48
C PRO A 412 -32.09 10.66 -0.51
N VAL A 413 -31.00 9.90 -0.59
CA VAL A 413 -29.88 10.12 0.33
C VAL A 413 -29.04 11.25 -0.17
N ASN A 414 -28.80 12.28 0.67
CA ASN A 414 -27.94 13.42 0.31
C ASN A 414 -26.49 12.91 0.40
N GLY A 415 -25.88 12.66 -0.75
CA GLY A 415 -24.51 12.15 -0.84
C GLY A 415 -23.46 13.01 -0.17
N ARG A 416 -23.68 14.34 -0.15
CA ARG A 416 -22.77 15.33 0.46
C ARG A 416 -22.83 15.12 1.95
N ARG A 417 -24.04 15.04 2.51
CA ARG A 417 -24.24 14.80 3.93
C ARG A 417 -23.74 13.41 4.26
N LEU A 418 -23.90 12.45 3.32
CA LEU A 418 -23.44 11.07 3.50
C LEU A 418 -21.92 11.01 3.55
N TYR A 419 -21.22 11.72 2.64
CA TYR A 419 -19.77 11.66 2.63
C TYR A 419 -19.16 12.43 3.79
N LYS A 420 -19.45 13.73 3.88
CA LYS A 420 -18.89 14.62 4.91
C LYS A 420 -19.28 14.27 6.38
N ASP A 421 -20.56 14.03 6.67
CA ASP A 421 -20.97 13.79 8.05
C ASP A 421 -21.07 12.33 8.52
N PHE A 422 -21.01 11.33 7.61
CA PHE A 422 -21.17 9.96 8.09
C PHE A 422 -20.07 9.04 7.65
N VAL A 423 -19.68 9.05 6.34
CA VAL A 423 -18.58 8.21 5.83
C VAL A 423 -17.30 8.53 6.61
N LEU A 424 -16.88 9.80 6.63
CA LEU A 424 -15.65 10.20 7.31
C LEU A 424 -15.66 9.94 8.83
N ASN A 425 -16.79 10.23 9.50
CA ASN A 425 -16.93 10.08 10.95
C ASN A 425 -17.23 8.61 11.41
N VAL A 426 -17.17 7.62 10.48
CA VAL A 426 -17.36 6.20 10.77
C VAL A 426 -16.14 5.71 11.65
N LYS A 427 -16.42 4.84 12.65
CA LYS A 427 -15.41 4.23 13.53
C LYS A 427 -15.99 2.94 14.09
N PHE A 428 -15.62 1.79 13.51
CA PHE A 428 -16.17 0.51 13.93
C PHE A 428 -15.16 -0.62 13.95
N ASP A 429 -15.44 -1.61 14.81
CA ASP A 429 -14.62 -2.80 14.97
C ASP A 429 -14.73 -3.57 13.66
N ALA A 430 -13.63 -3.60 12.87
CA ALA A 430 -13.55 -4.29 11.59
C ALA A 430 -14.36 -5.63 11.55
N PRO A 431 -15.24 -5.86 10.57
CA PRO A 431 -15.98 -7.12 10.53
C PRO A 431 -15.09 -8.28 10.08
N PHE A 432 -15.35 -9.47 10.67
CA PHE A 432 -14.71 -10.77 10.44
C PHE A 432 -13.23 -10.76 10.81
N ARG A 433 -12.83 -9.82 11.70
CA ARG A 433 -11.46 -9.71 12.17
C ARG A 433 -11.07 -10.96 12.98
N PRO A 434 -9.77 -11.33 13.06
CA PRO A 434 -9.37 -12.47 13.88
C PRO A 434 -9.91 -12.38 15.30
N ALA A 435 -10.16 -13.54 15.94
CA ALA A 435 -10.70 -13.60 17.31
C ALA A 435 -9.90 -12.80 18.34
N ASP A 436 -8.59 -12.68 18.10
CA ASP A 436 -7.66 -11.93 18.93
C ASP A 436 -7.92 -10.41 18.82
N THR A 437 -7.53 -9.85 17.65
CA THR A 437 -7.56 -8.44 17.24
C THR A 437 -8.78 -7.60 17.67
N HIS A 438 -8.51 -6.30 17.86
CA HIS A 438 -9.46 -5.25 18.17
C HIS A 438 -9.25 -4.19 17.08
N ASN A 439 -9.11 -4.68 15.81
CA ASN A 439 -8.88 -3.94 14.57
C ASN A 439 -10.07 -3.01 14.29
N GLU A 440 -9.79 -1.73 14.04
CA GLU A 440 -10.79 -0.66 13.84
C GLU A 440 -10.84 -0.19 12.38
N VAL A 441 -11.98 0.42 11.96
CA VAL A 441 -12.21 0.95 10.60
C VAL A 441 -12.54 2.47 10.70
N ARG A 442 -11.65 3.33 10.21
CA ARG A 442 -11.85 4.78 10.25
C ARG A 442 -11.08 5.45 9.12
N PHE A 443 -11.40 6.72 8.84
CA PHE A 443 -10.72 7.47 7.79
C PHE A 443 -10.21 8.78 8.32
N ASP A 444 -9.05 9.26 7.81
CA ASP A 444 -8.54 10.58 8.19
C ASP A 444 -9.35 11.68 7.45
N ARG A 445 -8.99 12.96 7.59
CA ARG A 445 -9.72 14.06 6.96
C ARG A 445 -9.94 13.88 5.44
N PHE A 446 -8.98 13.24 4.76
CA PHE A 446 -8.94 13.02 3.30
C PHE A 446 -9.50 11.64 2.89
N GLY A 447 -10.14 10.97 3.84
CA GLY A 447 -10.74 9.68 3.61
C GLY A 447 -9.74 8.56 3.44
N ASP A 448 -8.44 8.84 3.71
CA ASP A 448 -7.42 7.81 3.62
C ASP A 448 -7.61 6.84 4.77
N GLY A 449 -7.30 5.58 4.52
CA GLY A 449 -7.41 4.54 5.52
C GLY A 449 -6.37 4.75 6.60
N ILE A 450 -6.63 4.19 7.77
CA ILE A 450 -5.67 4.35 8.86
C ILE A 450 -4.52 3.35 8.55
N GLY A 451 -3.39 3.94 8.15
CA GLY A 451 -2.18 3.25 7.73
C GLY A 451 -1.43 2.45 8.76
N ARG A 452 -1.66 1.08 8.82
CA ARG A 452 -0.98 0.06 9.66
C ARG A 452 -0.28 -1.01 8.73
N TYR A 453 1.09 -1.04 8.80
CA TYR A 453 2.01 -1.86 7.99
C TYR A 453 2.83 -2.84 8.84
N ASN A 454 3.32 -3.94 8.22
CA ASN A 454 4.18 -4.97 8.83
C ASN A 454 5.60 -4.89 8.31
N ILE A 455 6.60 -4.96 9.22
CA ILE A 455 8.02 -4.88 8.90
C ILE A 455 8.64 -6.28 8.94
N PHE A 456 9.32 -6.65 7.85
CA PHE A 456 9.93 -7.96 7.69
C PHE A 456 11.39 -7.86 7.44
N THR A 457 12.19 -8.71 8.10
CA THR A 457 13.62 -8.77 7.82
C THR A 457 13.91 -10.08 7.09
N TYR A 458 14.93 -10.07 6.21
CA TYR A 458 15.33 -11.29 5.53
C TYR A 458 16.33 -12.07 6.39
N LEU A 459 15.98 -13.33 6.69
CA LEU A 459 16.73 -14.23 7.57
C LEU A 459 17.26 -15.50 6.91
N ARG A 460 18.36 -16.02 7.47
CA ARG A 460 18.98 -17.26 7.04
C ARG A 460 18.69 -18.32 8.11
N ALA A 461 17.61 -19.11 7.94
CA ALA A 461 17.28 -20.18 8.89
C ALA A 461 18.21 -21.41 8.68
N GLY A 462 18.67 -22.00 9.79
CA GLY A 462 19.59 -23.13 9.79
C GLY A 462 19.12 -24.34 9.01
N GLY A 464 21.72 -22.59 5.26
CA GLY A 464 20.51 -23.38 4.99
C GLY A 464 19.49 -22.65 4.13
N ARG A 465 18.19 -22.83 4.47
CA ARG A 465 17.06 -22.22 3.75
C ARG A 465 16.73 -20.80 4.29
N TYR A 466 16.48 -19.83 3.39
CA TYR A 466 16.22 -18.42 3.71
C TYR A 466 14.71 -18.05 3.74
N ARG A 467 14.27 -17.30 4.77
CA ARG A 467 12.87 -16.90 5.02
C ARG A 467 12.74 -15.40 5.43
N TYR A 468 11.48 -14.93 5.65
CA TYR A 468 11.17 -13.56 6.11
C TYR A 468 10.56 -13.62 7.53
N GLN A 469 11.05 -12.83 8.51
CA GLN A 469 10.39 -12.79 9.82
C GLN A 469 9.84 -11.39 10.10
N LYS A 470 8.59 -11.31 10.58
CA LYS A 470 7.99 -10.04 10.99
C LYS A 470 8.77 -9.60 12.26
N VAL A 471 9.36 -8.39 12.22
CA VAL A 471 10.15 -7.82 13.30
C VAL A 471 9.41 -6.68 13.99
N GLY A 472 8.50 -6.03 13.27
CA GLY A 472 7.73 -4.92 13.81
C GLY A 472 6.59 -4.46 12.94
N TYR A 473 5.98 -3.35 13.34
CA TYR A 473 4.87 -2.73 12.63
C TYR A 473 4.98 -1.24 12.70
N TRP A 474 4.14 -0.55 11.91
CA TRP A 474 4.02 0.89 11.92
C TRP A 474 2.53 1.19 12.05
N ALA A 475 2.10 1.60 13.26
CA ALA A 475 0.72 1.97 13.54
C ALA A 475 0.62 3.42 13.13
N GLU A 476 1.12 4.36 13.96
CA GLU A 476 1.22 5.79 13.62
C GLU A 476 2.65 6.18 14.03
N GLY A 477 3.33 5.20 14.62
CA GLY A 477 4.71 5.25 15.09
C GLY A 477 5.37 3.90 14.93
N LEU A 478 6.65 3.92 14.53
CA LEU A 478 7.46 2.73 14.32
C LEU A 478 7.67 1.96 15.61
N THR A 479 7.58 0.63 15.51
CA THR A 479 7.75 -0.31 16.62
C THR A 479 8.48 -1.50 16.01
N LEU A 480 9.58 -2.00 16.62
CA LEU A 480 10.27 -3.17 16.06
C LEU A 480 11.18 -3.88 17.08
N ASP A 481 10.88 -5.16 17.29
CA ASP A 481 11.53 -6.15 18.15
C ASP A 481 12.89 -6.53 17.53
N THR A 482 13.92 -5.73 17.88
CA THR A 482 15.30 -5.83 17.38
C THR A 482 15.97 -7.19 17.68
N SER A 483 15.47 -7.94 18.69
CA SER A 483 15.96 -9.28 19.03
C SER A 483 15.59 -10.30 17.93
N LEU A 484 14.60 -9.92 17.04
CA LEU A 484 14.13 -10.74 15.91
C LEU A 484 14.92 -10.46 14.61
N ILE A 485 15.75 -9.39 14.58
CA ILE A 485 16.64 -9.06 13.44
C ILE A 485 18.04 -9.71 13.71
N PRO A 486 18.58 -10.58 12.80
CA PRO A 486 19.88 -11.26 13.09
C PRO A 486 21.12 -10.37 13.16
N TRP A 487 21.19 -9.31 12.34
CA TRP A 487 22.35 -8.42 12.34
C TRP A 487 22.31 -7.38 13.48
N ALA A 488 21.39 -7.54 14.46
CA ALA A 488 21.30 -6.66 15.62
C ALA A 488 21.26 -7.46 16.94
N SER A 489 20.24 -8.35 17.07
CA SER A 489 19.90 -9.24 18.19
C SER A 489 21.06 -9.72 19.09
N PRO A 490 22.15 -10.38 18.59
CA PRO A 490 23.17 -10.89 19.52
C PRO A 490 24.35 -9.95 19.75
N SER A 491 24.26 -8.70 19.20
CA SER A 491 25.32 -7.69 19.18
C SER A 491 26.58 -8.28 18.50
N ALA A 492 26.34 -9.17 17.50
CA ALA A 492 27.37 -9.86 16.71
C ALA A 492 27.92 -8.83 15.72
N GLY A 493 28.96 -8.13 16.18
CA GLY A 493 29.59 -7.05 15.43
C GLY A 493 28.77 -5.77 15.41
N PRO A 494 29.37 -4.62 15.00
CA PRO A 494 28.59 -3.37 14.96
C PRO A 494 27.53 -3.36 13.85
N LEU A 495 26.43 -2.59 14.04
CA LEU A 495 25.31 -2.45 13.09
C LEU A 495 25.81 -2.15 11.66
N PRO A 496 25.05 -2.52 10.60
CA PRO A 496 25.54 -2.25 9.23
C PRO A 496 25.63 -0.77 8.83
N ALA A 497 25.43 0.15 9.81
CA ALA A 497 25.44 1.62 9.74
C ALA A 497 26.12 2.20 8.50
N SER A 498 25.36 2.93 7.69
CA SER A 498 25.86 3.55 6.48
C SER A 498 25.91 5.07 6.62
N ARG A 499 27.15 5.60 6.72
CA ARG A 499 27.47 7.03 6.86
C ARG A 499 28.58 7.38 5.91
N CYS A 500 28.55 8.61 5.36
CA CYS A 500 29.59 9.08 4.43
C CYS A 500 30.87 9.47 5.13
N SER A 501 30.75 10.06 6.33
CA SER A 501 31.90 10.50 7.11
C SER A 501 31.81 10.13 8.58
N GLU A 502 32.97 9.74 9.12
CA GLU A 502 33.16 9.40 10.53
C GLU A 502 33.54 10.72 11.25
N PRO A 503 33.31 10.85 12.58
CA PRO A 503 33.63 12.14 13.24
C PRO A 503 35.11 12.54 13.25
N CYS A 504 35.34 13.86 13.23
CA CYS A 504 36.67 14.49 13.23
C CYS A 504 37.37 14.44 14.58
N LEU A 505 38.71 14.52 14.54
CA LEU A 505 39.60 14.50 15.70
C LEU A 505 39.48 15.75 16.58
N GLN A 506 40.22 15.74 17.71
CA GLN A 506 40.29 16.82 18.70
C GLN A 506 40.85 18.09 18.05
N ASN A 507 41.97 17.95 17.28
CA ASN A 507 42.66 19.04 16.57
C ASN A 507 42.05 19.34 15.19
N GLU A 508 40.95 18.63 14.81
CA GLU A 508 40.24 18.77 13.53
C GLU A 508 38.86 19.45 13.65
N VAL A 509 38.53 20.25 12.62
CA VAL A 509 37.26 20.97 12.46
C VAL A 509 36.63 20.48 11.14
N LYS A 510 35.37 19.97 11.21
CA LYS A 510 34.63 19.41 10.07
C LYS A 510 34.21 20.43 9.02
N SER A 511 34.92 20.47 7.88
CA SER A 511 34.60 21.37 6.78
C SER A 511 33.62 20.69 5.83
N VAL A 512 32.34 21.12 5.87
CA VAL A 512 31.26 20.56 5.06
C VAL A 512 31.45 20.83 3.55
N GLN A 513 30.97 19.88 2.71
CA GLN A 513 31.05 19.94 1.25
C GLN A 513 29.86 20.75 0.68
N PRO A 514 30.13 21.75 -0.22
CA PRO A 514 29.04 22.60 -0.77
C PRO A 514 27.73 21.89 -1.17
N GLY A 515 27.81 20.64 -1.59
CA GLY A 515 26.65 19.84 -1.97
C GLY A 515 25.88 19.33 -0.76
N GLU A 516 25.96 18.00 -0.51
CA GLU A 516 25.31 17.27 0.59
C GLU A 516 25.70 17.83 1.97
N VAL A 517 24.70 18.06 2.83
CA VAL A 517 24.85 18.63 4.17
C VAL A 517 25.29 17.59 5.21
N CYS A 518 25.20 16.29 4.88
CA CYS A 518 25.59 15.20 5.79
C CYS A 518 27.05 14.75 5.56
N CYS A 519 27.77 15.39 4.60
CA CYS A 519 29.17 15.06 4.24
C CYS A 519 30.18 16.13 4.62
N TRP A 520 31.37 15.68 5.06
CA TRP A 520 32.46 16.56 5.47
C TRP A 520 33.84 15.92 5.38
N LEU A 521 34.88 16.75 5.24
CA LEU A 521 36.27 16.33 5.26
C LEU A 521 36.86 16.76 6.59
N CYS A 522 37.81 15.97 7.13
CA CYS A 522 38.43 16.26 8.42
C CYS A 522 39.70 17.08 8.29
N ILE A 523 39.51 18.40 8.28
CA ILE A 523 40.55 19.43 8.13
C ILE A 523 41.06 19.86 9.51
N PRO A 524 42.40 19.79 9.77
CA PRO A 524 42.90 20.21 11.08
C PRO A 524 43.19 21.71 11.21
N CYS A 525 42.97 22.28 12.42
CA CYS A 525 43.25 23.69 12.68
C CYS A 525 44.76 23.90 12.70
N GLN A 526 45.18 25.09 12.26
CA GLN A 526 46.58 25.52 12.25
C GLN A 526 47.14 25.43 13.68
N PRO A 527 48.48 25.31 13.88
CA PRO A 527 49.00 25.24 15.26
C PRO A 527 48.80 26.53 16.07
N TYR A 528 48.54 27.66 15.36
CA TYR A 528 48.24 28.98 15.95
C TYR A 528 46.69 29.16 16.02
N GLU A 529 45.94 28.05 15.86
CA GLU A 529 44.47 28.03 15.89
C GLU A 529 43.92 27.01 16.87
N TYR A 530 42.81 27.37 17.54
CA TYR A 530 42.07 26.54 18.49
C TYR A 530 40.71 26.17 17.88
N ARG A 531 40.00 25.19 18.49
CA ARG A 531 38.68 24.76 18.03
C ARG A 531 37.56 25.53 18.74
N LEU A 532 36.99 26.55 18.06
CA LEU A 532 35.89 27.35 18.60
C LEU A 532 34.62 26.52 18.49
N ASP A 533 34.12 26.33 17.25
CA ASP A 533 32.92 25.55 16.97
C ASP A 533 33.31 24.07 16.80
N GLU A 534 32.88 23.44 15.70
CA GLU A 534 33.17 22.06 15.30
C GLU A 534 33.28 22.03 13.76
N PHE A 535 33.28 23.24 13.16
CA PHE A 535 33.39 23.53 11.73
C PHE A 535 34.06 24.91 11.53
N THR A 536 34.73 25.44 12.59
CA THR A 536 35.41 26.74 12.54
C THR A 536 36.56 26.88 13.54
N CYS A 537 37.75 27.30 13.04
CA CYS A 537 38.91 27.59 13.89
C CYS A 537 38.96 29.11 14.10
N ALA A 538 39.90 29.60 14.93
CA ALA A 538 40.06 31.04 15.20
C ALA A 538 41.49 31.37 15.65
N ASP A 539 41.99 32.57 15.31
CA ASP A 539 43.35 33.00 15.70
C ASP A 539 43.41 33.28 17.19
N CYS A 540 44.47 32.77 17.85
CA CYS A 540 44.74 32.97 19.28
C CYS A 540 45.30 34.35 19.56
N GLY A 541 45.90 34.98 18.53
CA GLY A 541 46.46 36.31 18.63
C GLY A 541 47.90 36.43 18.17
N LEU A 542 48.72 37.07 19.00
CA LEU A 542 50.13 37.30 18.74
C LEU A 542 50.88 37.24 20.06
N GLY A 543 51.19 36.01 20.47
CA GLY A 543 51.87 35.70 21.73
C GLY A 543 51.14 34.61 22.49
N TYR A 544 49.85 34.41 22.16
CA TYR A 544 48.97 33.41 22.76
C TYR A 544 48.95 32.17 21.88
N TRP A 545 48.97 30.97 22.51
CA TRP A 545 48.99 29.64 21.88
C TRP A 545 47.84 28.75 22.43
N PRO A 546 47.24 27.85 21.62
CA PRO A 546 46.13 27.04 22.14
C PRO A 546 46.47 25.98 23.19
N ASN A 547 45.47 25.69 24.04
CA ASN A 547 45.41 24.72 25.14
C ASN A 547 45.49 23.30 24.54
N ALA A 548 46.21 22.36 25.21
CA ALA A 548 46.37 20.96 24.79
C ALA A 548 45.03 20.21 24.53
N SER A 549 43.88 20.84 24.86
CA SER A 549 42.52 20.30 24.71
C SER A 549 41.69 20.99 23.58
N LEU A 550 42.37 21.61 22.60
CA LEU A 550 41.79 22.35 21.46
C LEU A 550 40.84 23.49 21.90
N THR A 551 41.21 24.17 23.00
CA THR A 551 40.46 25.29 23.61
C THR A 551 41.43 26.43 23.95
C7 6YS B . -4.85 -3.75 -6.45
C6 6YS B . 1.67 -0.44 -6.29
C1 6YS B . 2.74 -2.07 -4.89
C5 6YS B . 3.36 -1.89 -7.24
C4 6YS B . 3.49 -2.50 -5.98
C3 6YS B . 2.43 -0.86 -7.38
C2 6YS B . 1.83 -1.03 -5.03
C8 6YS B . -3.28 1.00 -7.14
C9 6YS B . -3.77 -2.80 -6.67
C10 6YS B . -3.47 -2.21 -8.02
C11 6YS B . -3.96 -1.33 -6.92
C12 6YS B . -1.59 -0.87 -7.29
C13 6YS B . -2.06 -1.88 -8.38
C14 6YS B . -2.89 -0.33 -6.64
C15 6YS B . -0.55 0.13 -7.81
N16 6YS B . -2.76 -0.20 -5.19
O17 6YS B . -6.03 -3.55 -6.69
O18 6YS B . -3.22 2.06 -6.52
O19 6YS B . -4.33 -4.88 -5.94
O20 6YS B . -3.74 0.89 -8.40
O21 6YS B . -1.32 -3.10 -8.34
F22 6YS B . 4.33 -3.54 -5.86
F23 6YS B . 4.11 -2.31 -8.29
S24 6YS B . 0.50 0.85 -6.52
C1 NAG C . 21.21 6.53 17.26
C2 NAG C . 21.48 5.36 18.21
C3 NAG C . 21.09 5.73 19.64
C4 NAG C . 21.73 7.06 20.06
C5 NAG C . 21.37 8.15 19.05
C6 NAG C . 22.00 9.51 19.35
C7 NAG C . 21.33 3.11 17.18
C8 NAG C . 20.52 1.85 17.16
N2 NAG C . 20.77 4.16 17.79
O3 NAG C . 21.45 4.69 20.54
O4 NAG C . 21.32 7.43 21.37
O5 NAG C . 21.79 7.76 17.73
O6 NAG C . 23.41 9.49 19.19
O7 NAG C . 22.45 3.18 16.67
#